data_5TVY
#
_entry.id   5TVY
#
_cell.length_a   40.380
_cell.length_b   79.568
_cell.length_c   54.459
_cell.angle_alpha   90.000
_cell.angle_beta   101.380
_cell.angle_gamma   90.000
#
_symmetry.space_group_name_H-M   'P 1 21 1'
#
loop_
_entity.id
_entity.type
_entity.pdbx_description
1 polymer 'Endo-1,4-beta-xylanase A'
2 non-polymer 3,6,9,12,15,18,21,24,27-NONAOXANONACOSANE-1,29-DIOL
3 water water
#
_entity_poly.entity_id   1
_entity_poly.type   'polypeptide(L)'
_entity_poly.pdbx_seq_one_letter_code
;GPHMSTDYWLNFTDGGGIVNAVNGSGGNYSVNWSNTGSFVVGKGWTTGSPFRTINYNAGVWAPNGWGALALVGWTRSPLI
AYYVVDSWGTYRWTGTYKGTVKSDGGTYDIYTTTRYNAPSIDGDRTTFTQYWSVRQSKRPTGSNATITFSNHVNAWKSHG
MNLGSNWAYQVMATAGYQSSGSSNVTVW
;
_entity_poly.pdbx_strand_id   A,B
#
loop_
_chem_comp.id
_chem_comp.type
_chem_comp.name
_chem_comp.formula
XPE non-polymer 3,6,9,12,15,18,21,24,27-NONAOXANONACOSANE-1,29-DIOL 'C20 H42 O11'
#
# COMPACT_ATOMS: atom_id res chain seq x y z
N GLY A 1 2.16 -9.54 18.80
CA GLY A 1 1.57 -8.93 17.58
C GLY A 1 2.58 -8.80 16.46
N PRO A 2 2.10 -8.46 15.26
CA PRO A 2 3.02 -8.33 14.12
C PRO A 2 4.00 -7.18 14.33
N HIS A 3 5.18 -7.33 13.71
CA HIS A 3 6.24 -6.32 13.72
C HIS A 3 6.63 -6.07 12.26
N MET A 4 5.83 -5.30 11.55
CA MET A 4 6.13 -4.94 10.16
C MET A 4 5.92 -3.45 9.99
N SER A 5 6.85 -2.77 9.31
CA SER A 5 6.68 -1.37 9.02
C SER A 5 5.56 -1.20 7.99
N THR A 6 5.22 0.05 7.73
CA THR A 6 4.06 0.30 6.89
C THR A 6 4.30 -0.14 5.44
N ASP A 7 3.22 -0.51 4.77
CA ASP A 7 3.26 -0.86 3.38
C ASP A 7 2.20 -0.17 2.54
N TYR A 8 1.38 0.69 3.12
CA TYR A 8 0.21 1.24 2.43
C TYR A 8 0.11 2.74 2.62
N TRP A 9 -0.19 3.44 1.54
CA TRP A 9 -0.46 4.87 1.49
C TRP A 9 -1.90 5.10 1.07
N LEU A 10 -2.65 5.79 1.91
CA LEU A 10 -4.05 6.16 1.69
C LEU A 10 -4.14 7.64 1.43
N ASN A 11 -4.76 8.02 0.33
CA ASN A 11 -5.01 9.44 0.02
C ASN A 11 -6.39 9.52 -0.60
N PHE A 12 -7.41 9.73 0.20
CA PHE A 12 -8.79 9.81 -0.25
C PHE A 12 -9.34 11.21 -0.03
N THR A 13 -9.97 11.76 -1.06
CA THR A 13 -10.78 12.95 -0.91
C THR A 13 -12.02 12.81 -1.78
N ASP A 14 -13.14 13.33 -1.27
CA ASP A 14 -14.33 13.40 -2.10
C ASP A 14 -14.31 14.53 -3.10
N GLY A 15 -13.22 15.30 -3.16
CA GLY A 15 -13.07 16.35 -4.14
C GLY A 15 -13.40 17.73 -3.66
N GLY A 16 -13.88 17.89 -2.43
CA GLY A 16 -14.17 19.21 -1.93
C GLY A 16 -12.91 19.93 -1.49
N GLY A 17 -12.82 21.21 -1.84
CA GLY A 17 -11.73 22.04 -1.38
C GLY A 17 -10.37 21.52 -1.81
N ILE A 18 -9.37 21.76 -0.96
CA ILE A 18 -7.98 21.43 -1.26
C ILE A 18 -7.47 20.45 -0.22
N VAL A 19 -6.95 19.32 -0.67
CA VAL A 19 -6.29 18.35 0.21
C VAL A 19 -4.94 18.06 -0.42
N ASN A 20 -3.89 18.72 0.08
N ASN A 20 -3.89 18.73 0.08
CA ASN A 20 -2.55 18.60 -0.49
CA ASN A 20 -2.54 18.61 -0.47
C ASN A 20 -1.76 17.64 0.40
C ASN A 20 -1.78 17.63 0.42
N ALA A 21 -1.80 16.37 0.02
CA ALA A 21 -1.14 15.30 0.76
C ALA A 21 0.23 15.05 0.16
N VAL A 22 1.21 14.75 1.02
CA VAL A 22 2.54 14.39 0.60
C VAL A 22 2.86 13.02 1.16
N ASN A 23 3.17 12.08 0.26
CA ASN A 23 3.63 10.75 0.63
C ASN A 23 5.14 10.86 0.86
N GLY A 24 5.55 10.97 2.11
CA GLY A 24 6.95 11.16 2.43
C GLY A 24 7.72 9.84 2.46
N SER A 25 8.93 9.93 3.01
N SER A 25 8.95 9.92 2.93
N SER A 25 8.95 9.92 2.96
CA SER A 25 9.84 8.81 3.12
CA SER A 25 9.76 8.71 3.00
CA SER A 25 9.77 8.73 3.04
C SER A 25 9.41 7.86 4.25
C SER A 25 9.32 7.85 4.16
C SER A 25 9.29 7.85 4.18
N GLY A 26 9.52 6.55 4.01
CA GLY A 26 9.23 5.60 5.07
C GLY A 26 7.79 5.72 5.54
N GLY A 27 7.62 5.87 6.85
CA GLY A 27 6.30 6.01 7.43
C GLY A 27 5.81 7.44 7.53
N ASN A 28 6.52 8.40 6.94
CA ASN A 28 6.19 9.81 7.11
C ASN A 28 5.23 10.32 6.02
N TYR A 29 4.32 11.20 6.42
CA TYR A 29 3.49 11.89 5.45
C TYR A 29 3.07 13.23 6.03
N SER A 30 2.54 14.07 5.17
CA SER A 30 1.99 15.34 5.63
C SER A 30 0.76 15.69 4.81
N VAL A 31 -0.05 16.57 5.39
N VAL A 31 -0.06 16.57 5.35
CA VAL A 31 -1.25 17.08 4.74
CA VAL A 31 -1.18 17.08 4.57
C VAL A 31 -1.39 18.55 5.08
C VAL A 31 -1.52 18.47 5.04
N ASN A 32 -1.72 19.37 4.07
CA ASN A 32 -2.26 20.70 4.28
C ASN A 32 -3.59 20.74 3.53
N TRP A 33 -4.64 21.14 4.24
CA TRP A 33 -5.98 21.07 3.67
C TRP A 33 -6.74 22.35 3.94
N SER A 34 -7.70 22.63 3.08
N SER A 34 -7.69 22.67 3.08
CA SER A 34 -8.46 23.87 3.16
CA SER A 34 -8.46 23.90 3.27
C SER A 34 -9.87 23.68 2.64
C SER A 34 -9.85 23.78 2.64
N ASN A 35 -10.85 24.09 3.46
CA ASN A 35 -12.26 24.17 3.06
C ASN A 35 -12.71 22.90 2.35
N THR A 36 -12.45 21.78 2.99
CA THR A 36 -12.59 20.48 2.36
C THR A 36 -14.05 20.00 2.36
N GLY A 37 -14.24 18.90 1.63
CA GLY A 37 -15.31 17.96 1.92
C GLY A 37 -14.82 16.94 2.93
N SER A 38 -15.06 15.66 2.66
N SER A 38 -15.10 15.67 2.67
CA SER A 38 -14.58 14.55 3.46
CA SER A 38 -14.55 14.57 3.45
C SER A 38 -13.28 14.02 2.86
C SER A 38 -13.22 14.15 2.85
N PHE A 39 -12.27 13.81 3.71
CA PHE A 39 -11.00 13.26 3.26
C PHE A 39 -10.37 12.42 4.36
N VAL A 40 -9.50 11.51 3.94
CA VAL A 40 -8.68 10.75 4.88
C VAL A 40 -7.37 10.40 4.20
N VAL A 41 -6.27 10.67 4.90
CA VAL A 41 -4.92 10.47 4.39
C VAL A 41 -4.10 9.77 5.47
N GLY A 42 -3.29 8.79 5.10
CA GLY A 42 -2.39 8.26 6.10
C GLY A 42 -1.55 7.11 5.60
N LYS A 43 -0.75 6.59 6.50
CA LYS A 43 0.11 5.46 6.23
C LYS A 43 -0.20 4.33 7.20
N GLY A 44 -0.07 3.10 6.70
CA GLY A 44 -0.34 1.94 7.52
C GLY A 44 -0.18 0.68 6.73
N TRP A 45 -1.17 -0.20 6.80
CA TRP A 45 -1.08 -1.56 6.30
C TRP A 45 -2.27 -1.89 5.41
N THR A 46 -2.00 -2.65 4.36
CA THR A 46 -3.07 -3.04 3.44
C THR A 46 -4.07 -3.97 4.09
N THR A 47 -3.63 -4.76 5.07
CA THR A 47 -4.48 -5.72 5.78
C THR A 47 -4.38 -5.45 7.28
N GLY A 48 -5.45 -5.00 7.87
CA GLY A 48 -5.46 -4.75 9.29
C GLY A 48 -5.38 -6.04 10.08
N SER A 49 -4.95 -5.88 11.33
CA SER A 49 -4.94 -6.94 12.31
C SER A 49 -5.53 -6.45 13.62
N PRO A 50 -6.33 -7.27 14.31
CA PRO A 50 -6.81 -6.90 15.64
C PRO A 50 -5.74 -6.98 16.71
N PHE A 51 -4.53 -7.41 16.35
CA PHE A 51 -3.42 -7.56 17.27
C PHE A 51 -2.32 -6.56 17.02
N ARG A 52 -2.51 -5.62 16.11
N ARG A 52 -2.52 -5.62 16.12
CA ARG A 52 -1.43 -4.72 15.74
CA ARG A 52 -1.43 -4.73 15.80
C ARG A 52 -1.28 -3.59 16.75
C ARG A 52 -1.28 -3.63 16.83
N THR A 53 -0.03 -3.29 17.08
CA THR A 53 0.33 -2.11 17.85
C THR A 53 0.82 -1.07 16.84
N ILE A 54 0.16 0.08 16.83
CA ILE A 54 0.51 1.16 15.93
C ILE A 54 1.31 2.19 16.70
N ASN A 55 2.47 2.55 16.19
CA ASN A 55 3.29 3.61 16.76
C ASN A 55 3.26 4.79 15.83
N TYR A 56 3.25 6.00 16.40
CA TYR A 56 3.31 7.16 15.54
C TYR A 56 3.87 8.34 16.31
N ASN A 57 4.26 9.37 15.57
CA ASN A 57 4.67 10.64 16.13
C ASN A 57 4.12 11.71 15.20
N ALA A 58 3.21 12.52 15.70
CA ALA A 58 2.63 13.63 14.93
C ALA A 58 3.46 14.87 15.22
N GLY A 59 4.42 15.15 14.33
CA GLY A 59 5.26 16.31 14.52
C GLY A 59 4.53 17.62 14.32
N VAL A 60 3.48 17.63 13.48
CA VAL A 60 2.60 18.77 13.31
C VAL A 60 1.17 18.27 13.47
N TRP A 61 0.41 18.90 14.36
CA TRP A 61 -1.02 18.63 14.49
C TRP A 61 -1.71 19.97 14.67
N ALA A 62 -2.31 20.49 13.58
CA ALA A 62 -2.90 21.82 13.57
C ALA A 62 -4.20 21.82 12.78
N PRO A 63 -5.20 21.07 13.23
CA PRO A 63 -6.51 21.06 12.57
C PRO A 63 -7.39 22.20 13.04
N ASN A 64 -8.44 22.44 12.27
N ASN A 64 -8.43 22.48 12.26
CA ASN A 64 -9.57 23.28 12.65
CA ASN A 64 -9.61 23.16 12.81
C ASN A 64 -10.84 22.52 12.27
C ASN A 64 -10.85 22.38 12.43
N GLY A 65 -11.99 22.92 12.82
CA GLY A 65 -13.23 22.29 12.43
C GLY A 65 -13.26 20.82 12.82
N TRP A 66 -13.77 19.98 11.92
CA TRP A 66 -13.74 18.52 12.09
C TRP A 66 -12.43 18.00 11.54
N GLY A 67 -11.56 17.52 12.43
CA GLY A 67 -10.32 16.88 12.05
C GLY A 67 -10.06 15.78 13.04
N ALA A 68 -9.39 14.73 12.60
CA ALA A 68 -9.10 13.59 13.46
C ALA A 68 -7.70 13.09 13.18
N LEU A 69 -6.92 12.91 14.25
CA LEU A 69 -5.65 12.20 14.26
C LEU A 69 -6.01 10.84 14.85
N ALA A 70 -6.10 9.82 14.00
CA ALA A 70 -6.82 8.61 14.37
C ALA A 70 -6.30 7.40 13.62
N LEU A 71 -6.32 6.26 14.29
CA LEU A 71 -6.29 4.99 13.59
C LEU A 71 -7.63 4.85 12.86
N VAL A 72 -7.58 4.55 11.57
N VAL A 72 -7.59 4.51 11.58
CA VAL A 72 -8.75 4.36 10.73
CA VAL A 72 -8.80 4.33 10.79
C VAL A 72 -8.59 3.02 10.02
C VAL A 72 -8.65 3.08 9.95
N GLY A 73 -9.65 2.23 9.98
CA GLY A 73 -9.60 1.02 9.19
C GLY A 73 -10.98 0.48 8.92
N TRP A 74 -11.01 -0.61 8.16
CA TRP A 74 -12.24 -1.23 7.76
C TRP A 74 -12.17 -2.75 7.89
N THR A 75 -13.34 -3.35 8.10
CA THR A 75 -13.56 -4.75 7.78
C THR A 75 -14.67 -4.84 6.74
N ARG A 76 -14.71 -5.99 6.09
CA ARG A 76 -15.87 -6.48 5.36
C ARG A 76 -16.42 -7.70 6.08
N SER A 77 -17.65 -8.08 5.74
CA SER A 77 -18.31 -9.26 6.28
C SER A 77 -18.48 -9.19 7.79
N PRO A 78 -19.15 -8.15 8.32
N PRO A 78 -19.16 -8.16 8.32
CA PRO A 78 -19.78 -7.06 7.57
CA PRO A 78 -19.78 -7.06 7.57
C PRO A 78 -18.87 -5.85 7.38
C PRO A 78 -18.85 -5.88 7.32
N LEU A 79 -19.32 -4.96 6.48
CA LEU A 79 -18.64 -3.71 6.21
C LEU A 79 -18.78 -2.77 7.40
N ILE A 80 -17.67 -2.48 8.06
N ILE A 80 -17.66 -2.50 8.06
CA ILE A 80 -17.62 -1.62 9.24
CA ILE A 80 -17.58 -1.65 9.24
C ILE A 80 -16.38 -0.76 9.13
C ILE A 80 -16.37 -0.76 9.08
N ALA A 81 -16.52 0.52 9.41
CA ALA A 81 -15.40 1.44 9.57
C ALA A 81 -15.14 1.62 11.06
N TYR A 82 -13.87 1.65 11.45
CA TYR A 82 -13.52 1.88 12.84
C TYR A 82 -12.46 2.96 12.97
N TYR A 83 -12.46 3.57 14.15
CA TYR A 83 -11.66 4.76 14.44
C TYR A 83 -11.18 4.71 15.88
N VAL A 84 -9.90 4.98 16.08
CA VAL A 84 -9.36 5.27 17.42
C VAL A 84 -8.78 6.67 17.33
N VAL A 85 -9.52 7.64 17.87
CA VAL A 85 -9.23 9.06 17.71
C VAL A 85 -8.45 9.55 18.91
N ASP A 86 -7.20 9.95 18.67
CA ASP A 86 -6.33 10.48 19.70
C ASP A 86 -6.42 12.00 19.85
N SER A 87 -6.59 12.73 18.75
CA SER A 87 -6.76 14.17 18.83
C SER A 87 -7.69 14.62 17.72
N TRP A 88 -8.11 15.87 17.81
CA TRP A 88 -9.11 16.43 16.90
C TRP A 88 -8.91 17.94 16.85
N GLY A 89 -9.83 18.62 16.18
CA GLY A 89 -9.79 20.06 16.02
C GLY A 89 -10.76 20.76 16.96
N THR A 90 -11.69 21.51 16.36
N THR A 90 -11.69 21.54 16.44
CA THR A 90 -12.62 22.31 17.11
CA THR A 90 -12.54 22.32 17.34
C THR A 90 -13.68 21.43 17.79
C THR A 90 -13.79 21.58 17.80
N TYR A 91 -14.22 20.46 17.06
N TYR A 91 -14.15 20.49 17.15
CA TYR A 91 -15.39 19.69 17.47
CA TYR A 91 -15.32 19.70 17.52
C TYR A 91 -14.99 18.25 17.80
C TYR A 91 -14.88 18.29 17.87
N ARG A 92 -15.43 17.76 18.95
CA ARG A 92 -15.10 16.42 19.38
C ARG A 92 -16.08 15.41 18.78
N TRP A 93 -15.50 14.40 18.12
CA TRP A 93 -16.26 13.29 17.54
C TRP A 93 -17.02 12.52 18.61
N THR A 94 -18.31 12.29 18.37
N THR A 94 -18.31 12.29 18.35
CA THR A 94 -19.16 11.54 19.26
CA THR A 94 -19.19 11.58 19.27
C THR A 94 -20.18 10.75 18.45
C THR A 94 -20.15 10.72 18.44
N GLY A 95 -21.10 10.13 19.15
CA GLY A 95 -22.13 9.30 18.56
C GLY A 95 -22.98 8.74 19.67
N THR A 96 -23.50 7.54 19.47
CA THR A 96 -24.27 6.86 20.51
C THR A 96 -23.29 6.32 21.54
N TYR A 97 -23.36 6.80 22.79
CA TYR A 97 -22.39 6.44 23.81
C TYR A 97 -22.61 5.01 24.29
N LYS A 98 -21.53 4.23 24.34
CA LYS A 98 -21.57 2.84 24.77
C LYS A 98 -20.82 2.57 26.07
N GLY A 99 -19.71 3.25 26.31
CA GLY A 99 -18.89 2.92 27.45
C GLY A 99 -17.51 3.55 27.29
N THR A 100 -16.56 3.05 28.07
CA THR A 100 -15.19 3.58 28.04
C THR A 100 -14.18 2.45 28.02
N VAL A 101 -12.97 2.77 27.57
CA VAL A 101 -11.84 1.87 27.61
C VAL A 101 -10.58 2.66 27.94
N LYS A 102 -9.73 2.09 28.78
CA LYS A 102 -8.42 2.65 29.07
C LYS A 102 -7.38 1.96 28.18
N SER A 103 -6.54 2.76 27.53
CA SER A 103 -5.48 2.18 26.72
C SER A 103 -4.38 3.23 26.53
N ASP A 104 -3.13 2.78 26.58
CA ASP A 104 -2.01 3.64 26.18
C ASP A 104 -2.04 4.99 26.89
N GLY A 105 -2.32 4.96 28.19
CA GLY A 105 -2.27 6.14 29.04
C GLY A 105 -3.48 7.04 28.92
N GLY A 106 -4.45 6.71 28.08
CA GLY A 106 -5.64 7.50 27.90
C GLY A 106 -6.89 6.76 28.29
N THR A 107 -7.98 7.51 28.47
CA THR A 107 -9.30 6.94 28.60
C THR A 107 -10.11 7.40 27.41
N TYR A 108 -10.75 6.45 26.74
CA TYR A 108 -11.48 6.69 25.52
C TYR A 108 -12.95 6.41 25.74
N ASP A 109 -13.79 7.25 25.17
CA ASP A 109 -15.22 6.97 25.07
C ASP A 109 -15.48 6.14 23.82
N ILE A 110 -16.42 5.20 23.94
CA ILE A 110 -16.80 4.31 22.87
C ILE A 110 -18.15 4.76 22.34
N TYR A 111 -18.23 4.95 21.02
CA TYR A 111 -19.46 5.39 20.37
C TYR A 111 -19.71 4.53 19.14
N THR A 112 -20.99 4.44 18.75
CA THR A 112 -21.36 3.96 17.42
C THR A 112 -22.12 5.03 16.67
N THR A 113 -21.96 5.02 15.36
CA THR A 113 -22.76 5.82 14.43
C THR A 113 -23.05 4.96 13.20
N THR A 114 -23.95 5.43 12.36
CA THR A 114 -24.23 4.77 11.10
C THR A 114 -24.23 5.85 10.04
N ARG A 115 -23.59 5.56 8.91
CA ARG A 115 -23.58 6.44 7.76
C ARG A 115 -24.43 5.84 6.65
N TYR A 116 -25.13 6.71 5.92
CA TYR A 116 -26.02 6.33 4.83
C TYR A 116 -25.61 7.06 3.56
N ASN A 117 -25.63 6.34 2.45
CA ASN A 117 -25.36 6.91 1.13
C ASN A 117 -24.08 7.73 1.13
N ALA A 118 -23.04 7.12 1.68
CA ALA A 118 -21.76 7.76 1.95
C ALA A 118 -20.63 6.94 1.35
N PRO A 119 -19.48 7.56 1.07
CA PRO A 119 -18.36 6.81 0.51
C PRO A 119 -17.80 5.81 1.51
N SER A 120 -17.43 4.64 0.99
CA SER A 120 -16.74 3.62 1.74
C SER A 120 -15.81 2.89 0.78
N ILE A 121 -15.12 1.88 1.30
CA ILE A 121 -14.32 1.03 0.44
C ILE A 121 -15.15 0.23 -0.54
N ASP A 122 -16.47 0.22 -0.41
CA ASP A 122 -17.36 -0.51 -1.30
C ASP A 122 -18.11 0.38 -2.30
N GLY A 123 -17.89 1.67 -2.31
CA GLY A 123 -18.54 2.53 -3.29
C GLY A 123 -18.75 3.94 -2.77
N ASP A 124 -19.28 4.77 -3.65
N ASP A 124 -19.26 4.80 -3.65
CA ASP A 124 -19.48 6.18 -3.31
CA ASP A 124 -19.48 6.20 -3.29
C ASP A 124 -20.72 6.40 -2.46
C ASP A 124 -20.74 6.43 -2.49
N ARG A 125 -21.71 5.51 -2.55
CA ARG A 125 -23.00 5.71 -1.88
C ARG A 125 -23.38 4.41 -1.19
N THR A 126 -22.95 4.28 0.06
CA THR A 126 -23.11 3.05 0.82
C THR A 126 -23.55 3.36 2.25
N THR A 127 -24.07 2.31 2.89
CA THR A 127 -24.47 2.37 4.29
C THR A 127 -23.52 1.50 5.10
N PHE A 128 -23.05 2.02 6.24
CA PHE A 128 -22.13 1.25 7.08
C PHE A 128 -22.17 1.77 8.50
N THR A 129 -21.98 0.85 9.43
CA THR A 129 -21.79 1.21 10.82
C THR A 129 -20.33 1.62 11.08
N GLN A 130 -20.16 2.54 12.02
CA GLN A 130 -18.85 3.03 12.45
C GLN A 130 -18.71 2.77 13.94
N TYR A 131 -17.55 2.22 14.30
CA TYR A 131 -17.16 2.03 15.69
C TYR A 131 -16.09 3.04 16.05
N TRP A 132 -16.23 3.69 17.19
CA TRP A 132 -15.32 4.74 17.61
C TRP A 132 -14.83 4.50 19.01
N SER A 133 -13.53 4.74 19.22
CA SER A 133 -12.96 5.12 20.51
C SER A 133 -12.43 6.53 20.34
N VAL A 134 -12.85 7.45 21.20
CA VAL A 134 -12.43 8.84 21.10
C VAL A 134 -11.84 9.23 22.46
N ARG A 135 -10.60 9.68 22.47
CA ARG A 135 -9.96 10.01 23.74
C ARG A 135 -10.77 11.08 24.44
N GLN A 136 -10.85 11.00 25.78
CA GLN A 136 -11.67 11.96 26.53
C GLN A 136 -11.09 13.37 26.48
N SER A 137 -9.77 13.48 26.41
N SER A 137 -9.76 13.47 26.46
CA SER A 137 -9.10 14.74 26.19
CA SER A 137 -9.03 14.71 26.23
C SER A 137 -8.05 14.50 25.12
C SER A 137 -8.09 14.47 25.06
N LYS A 138 -7.69 15.56 24.39
CA LYS A 138 -6.77 15.41 23.27
C LYS A 138 -5.43 14.86 23.74
N ARG A 139 -4.93 13.85 23.04
CA ARG A 139 -3.62 13.31 23.35
C ARG A 139 -2.56 14.34 22.97
N PRO A 140 -1.53 14.53 23.81
CA PRO A 140 -0.41 15.36 23.37
C PRO A 140 0.17 14.81 22.08
N THR A 141 0.74 15.71 21.28
CA THR A 141 1.41 15.33 20.05
C THR A 141 2.85 15.80 20.10
N GLY A 142 3.67 15.21 19.26
CA GLY A 142 5.06 15.60 19.09
C GLY A 142 6.05 14.64 19.70
N SER A 143 5.60 13.69 20.48
CA SER A 143 6.41 12.61 21.01
C SER A 143 5.84 11.29 20.50
N ASN A 144 6.61 10.22 20.67
CA ASN A 144 6.17 8.93 20.19
C ASN A 144 4.97 8.45 21.00
N ALA A 145 3.98 7.92 20.30
CA ALA A 145 2.72 7.48 20.86
C ALA A 145 2.41 6.08 20.34
N THR A 146 1.67 5.32 21.12
N THR A 146 1.63 5.33 21.11
CA THR A 146 1.26 3.97 20.77
CA THR A 146 1.26 3.97 20.75
C THR A 146 -0.26 3.85 20.87
C THR A 146 -0.24 3.76 20.91
N ILE A 147 -0.84 3.10 19.92
CA ILE A 147 -2.21 2.61 20.02
C ILE A 147 -2.16 1.09 20.03
N THR A 148 -2.55 0.51 21.16
CA THR A 148 -2.64 -0.94 21.33
C THR A 148 -4.04 -1.33 20.89
N PHE A 149 -4.19 -1.62 19.60
CA PHE A 149 -5.52 -1.75 19.01
C PHE A 149 -6.33 -2.87 19.67
N SER A 150 -5.68 -3.94 20.14
CA SER A 150 -6.44 -5.04 20.75
C SER A 150 -7.27 -4.57 21.94
N ASN A 151 -6.79 -3.58 22.70
CA ASN A 151 -7.58 -3.10 23.83
C ASN A 151 -8.91 -2.53 23.35
N HIS A 152 -8.92 -1.85 22.20
CA HIS A 152 -10.13 -1.29 21.63
C HIS A 152 -11.02 -2.40 21.10
N VAL A 153 -10.44 -3.33 20.33
CA VAL A 153 -11.21 -4.45 19.82
C VAL A 153 -11.94 -5.15 20.96
N ASN A 154 -11.21 -5.44 22.04
CA ASN A 154 -11.81 -6.17 23.16
C ASN A 154 -12.92 -5.36 23.83
N ALA A 155 -12.70 -4.07 24.06
CA ALA A 155 -13.73 -3.27 24.70
C ALA A 155 -14.96 -3.15 23.82
N TRP A 156 -14.76 -2.96 22.51
CA TRP A 156 -15.88 -2.91 21.59
C TRP A 156 -16.69 -4.21 21.67
N LYS A 157 -15.99 -5.35 21.66
CA LYS A 157 -16.70 -6.63 21.76
C LYS A 157 -17.56 -6.69 23.00
N SER A 158 -17.08 -6.14 24.11
CA SER A 158 -17.81 -6.21 25.37
C SER A 158 -19.09 -5.41 25.33
N HIS A 159 -19.26 -4.51 24.36
CA HIS A 159 -20.48 -3.75 24.16
C HIS A 159 -21.21 -4.15 22.90
N GLY A 160 -20.97 -5.37 22.42
CA GLY A 160 -21.70 -5.91 21.30
C GLY A 160 -21.27 -5.37 19.96
N MET A 161 -20.09 -4.75 19.89
CA MET A 161 -19.56 -4.15 18.67
C MET A 161 -18.50 -5.09 18.13
N ASN A 162 -18.92 -6.01 17.26
CA ASN A 162 -18.06 -7.03 16.67
C ASN A 162 -17.64 -6.59 15.27
N LEU A 163 -16.37 -6.72 14.97
CA LEU A 163 -15.86 -6.38 13.65
C LEU A 163 -16.10 -7.54 12.67
N GLY A 164 -16.01 -7.24 11.38
CA GLY A 164 -16.13 -8.25 10.35
C GLY A 164 -14.92 -9.16 10.28
N SER A 165 -15.05 -10.20 9.46
CA SER A 165 -14.02 -11.22 9.37
C SER A 165 -12.97 -10.95 8.31
N ASN A 166 -13.24 -10.04 7.39
N ASN A 166 -13.21 -10.01 7.38
CA ASN A 166 -12.35 -9.74 6.29
CA ASN A 166 -12.32 -9.76 6.25
C ASN A 166 -11.71 -8.39 6.59
C ASN A 166 -11.68 -8.39 6.40
N TRP A 167 -10.39 -8.38 6.75
CA TRP A 167 -9.68 -7.16 7.13
C TRP A 167 -9.19 -6.39 5.91
N ALA A 168 -9.59 -5.13 5.81
CA ALA A 168 -9.10 -4.22 4.78
C ALA A 168 -8.06 -3.29 5.40
N TYR A 169 -7.86 -2.08 4.85
CA TYR A 169 -6.71 -1.29 5.28
C TYR A 169 -6.84 -0.87 6.75
N GLN A 170 -5.70 -0.48 7.31
CA GLN A 170 -5.57 -0.04 8.70
C GLN A 170 -4.46 0.99 8.72
N VAL A 171 -4.79 2.27 8.91
N VAL A 171 -4.79 2.25 9.00
CA VAL A 171 -3.80 3.32 8.78
CA VAL A 171 -3.94 3.41 8.68
C VAL A 171 -3.87 4.26 9.96
C VAL A 171 -3.94 4.40 9.84
N MET A 172 -2.77 4.96 10.19
CA MET A 172 -2.72 6.06 11.15
C MET A 172 -2.89 7.35 10.36
N ALA A 173 -4.07 7.93 10.47
CA ALA A 173 -4.58 8.91 9.52
C ALA A 173 -4.76 10.30 10.11
N THR A 174 -4.80 11.24 9.16
CA THR A 174 -5.41 12.55 9.30
C THR A 174 -6.70 12.51 8.48
N ALA A 175 -7.84 12.71 9.15
CA ALA A 175 -9.13 12.73 8.48
C ALA A 175 -9.83 14.04 8.80
N GLY A 176 -10.72 14.47 7.92
CA GLY A 176 -11.42 15.69 8.22
C GLY A 176 -12.68 15.83 7.41
N TYR A 177 -13.47 16.82 7.79
CA TYR A 177 -14.74 17.11 7.14
C TYR A 177 -14.98 18.61 7.21
N GLN A 178 -15.12 19.24 6.05
CA GLN A 178 -15.48 20.65 5.96
C GLN A 178 -14.59 21.52 6.81
N SER A 179 -13.28 21.33 6.69
N SER A 179 -13.27 21.29 6.65
N SER A 179 -13.28 21.35 6.69
CA SER A 179 -12.38 22.03 7.57
CA SER A 179 -12.19 21.53 7.61
CA SER A 179 -12.41 22.12 7.55
C SER A 179 -11.08 22.37 6.85
C SER A 179 -10.98 22.14 6.88
C SER A 179 -11.07 22.32 6.87
N SER A 180 -10.11 22.84 7.63
CA SER A 180 -8.81 23.28 7.15
C SER A 180 -7.77 22.92 8.21
N GLY A 181 -6.53 22.73 7.80
CA GLY A 181 -5.49 22.46 8.77
C GLY A 181 -4.21 21.97 8.14
N SER A 182 -3.32 21.53 9.03
CA SER A 182 -2.05 20.92 8.67
C SER A 182 -1.73 19.78 9.61
N SER A 183 -1.07 18.76 9.07
CA SER A 183 -0.52 17.69 9.89
C SER A 183 0.77 17.18 9.25
N ASN A 184 1.58 16.53 10.09
CA ASN A 184 2.79 15.84 9.66
C ASN A 184 2.93 14.69 10.65
N VAL A 185 2.95 13.46 10.15
CA VAL A 185 2.86 12.28 11.00
C VAL A 185 3.81 11.23 10.46
N THR A 186 4.46 10.50 11.38
CA THR A 186 5.27 9.34 11.02
C THR A 186 4.72 8.13 11.73
N VAL A 187 4.59 7.02 11.01
CA VAL A 187 3.89 5.82 11.46
C VAL A 187 4.82 4.61 11.34
N TRP A 188 4.75 3.70 12.31
CA TRP A 188 5.48 2.44 12.23
C TRP A 188 4.84 1.38 13.09
C PRO B 2 5.59 13.84 -7.20
N HIS B 3 5.88 12.60 -7.58
CA HIS B 3 4.84 11.66 -7.96
C HIS B 3 4.41 10.84 -6.76
N MET B 4 3.11 10.64 -6.63
CA MET B 4 2.57 9.88 -5.51
C MET B 4 1.29 9.17 -5.92
N SER B 5 1.31 8.49 -7.06
CA SER B 5 0.17 7.68 -7.49
C SER B 5 0.18 6.26 -6.94
N THR B 6 1.33 5.79 -6.47
CA THR B 6 1.42 4.46 -5.91
C THR B 6 0.83 4.42 -4.51
N ASP B 7 0.30 3.26 -4.13
CA ASP B 7 -0.23 3.07 -2.79
C ASP B 7 0.43 1.95 -2.03
N TYR B 8 1.35 1.21 -2.63
CA TYR B 8 1.85 -0.02 -2.02
C TYR B 8 3.37 -0.09 -2.09
N TRP B 9 3.96 -0.51 -0.98
CA TRP B 9 5.38 -0.79 -0.83
C TRP B 9 5.55 -2.27 -0.57
N LEU B 10 6.34 -2.91 -1.43
CA LEU B 10 6.64 -4.33 -1.34
C LEU B 10 8.12 -4.51 -1.00
N ASN B 11 8.39 -5.21 0.08
CA ASN B 11 9.77 -5.57 0.46
C ASN B 11 9.72 -7.02 0.91
N PHE B 12 10.04 -7.93 0.00
CA PHE B 12 9.98 -9.35 0.27
C PHE B 12 11.35 -9.97 0.05
N THR B 13 11.80 -10.75 1.02
CA THR B 13 12.95 -11.62 0.85
C THR B 13 12.61 -13.00 1.40
N ASP B 14 13.13 -14.04 0.74
CA ASP B 14 13.01 -15.38 1.28
C ASP B 14 13.99 -15.66 2.41
N GLY B 15 14.78 -14.67 2.81
CA GLY B 15 15.69 -14.78 3.93
C GLY B 15 17.13 -15.02 3.54
N GLY B 16 17.39 -15.35 2.29
CA GLY B 16 18.77 -15.59 1.86
C GLY B 16 19.54 -14.29 1.75
N GLY B 17 20.78 -14.32 2.23
CA GLY B 17 21.64 -13.17 2.10
C GLY B 17 21.07 -11.91 2.72
N ILE B 18 21.41 -10.78 2.11
CA ILE B 18 21.05 -9.46 2.63
C ILE B 18 20.31 -8.68 1.55
N VAL B 19 19.15 -8.13 1.91
CA VAL B 19 18.38 -7.27 1.03
C VAL B 19 18.07 -6.00 1.80
N ASN B 20 18.82 -4.94 1.56
CA ASN B 20 18.64 -3.65 2.23
C ASN B 20 17.81 -2.76 1.33
N ALA B 21 16.52 -2.70 1.61
CA ALA B 21 15.57 -1.93 0.83
C ALA B 21 15.23 -0.64 1.58
N VAL B 22 15.08 0.44 0.84
CA VAL B 22 14.73 1.74 1.38
C VAL B 22 13.43 2.20 0.75
N ASN B 23 12.44 2.44 1.60
CA ASN B 23 11.14 2.99 1.22
C ASN B 23 11.31 4.50 1.21
N GLY B 24 11.55 5.06 0.03
CA GLY B 24 11.77 6.48 -0.12
C GLY B 24 10.47 7.26 -0.19
N SER B 25 10.58 8.53 -0.56
N SER B 25 10.57 8.54 -0.54
CA SER B 25 9.41 9.36 -0.70
CA SER B 25 9.37 9.35 -0.63
C SER B 25 8.59 8.91 -1.92
C SER B 25 8.62 9.06 -1.92
N GLY B 26 7.29 9.15 -1.85
CA GLY B 26 6.44 8.97 -3.01
C GLY B 26 6.62 7.60 -3.63
N GLY B 27 6.91 7.61 -4.93
CA GLY B 27 7.14 6.40 -5.67
C GLY B 27 8.58 5.93 -5.70
N ASN B 28 9.47 6.54 -4.91
CA ASN B 28 10.89 6.22 -4.97
C ASN B 28 11.31 5.16 -3.96
N TYR B 29 12.21 4.29 -4.39
CA TYR B 29 12.82 3.33 -3.50
C TYR B 29 14.22 2.99 -3.99
N SER B 30 14.99 2.37 -3.11
CA SER B 30 16.29 1.86 -3.49
C SER B 30 16.53 0.50 -2.86
N VAL B 31 17.46 -0.23 -3.44
CA VAL B 31 17.82 -1.54 -2.93
C VAL B 31 19.31 -1.73 -3.07
N ASN B 32 19.94 -2.32 -2.06
CA ASN B 32 21.29 -2.83 -2.14
C ASN B 32 21.22 -4.25 -1.62
N TRP B 33 21.67 -5.22 -2.40
CA TRP B 33 21.47 -6.61 -2.03
C TRP B 33 22.76 -7.39 -2.23
N SER B 34 22.91 -8.46 -1.45
N SER B 34 22.95 -8.45 -1.45
CA SER B 34 24.14 -9.26 -1.43
CA SER B 34 24.16 -9.25 -1.60
C SER B 34 23.82 -10.74 -1.24
C SER B 34 23.91 -10.71 -1.24
N ASN B 35 24.36 -11.58 -2.14
CA ASN B 35 24.37 -13.01 -1.95
C ASN B 35 23.00 -13.56 -1.54
N THR B 36 21.98 -13.14 -2.29
CA THR B 36 20.62 -13.34 -1.86
C THR B 36 20.11 -14.74 -2.17
N GLY B 37 18.92 -15.04 -1.65
CA GLY B 37 18.03 -16.00 -2.24
C GLY B 37 17.15 -15.30 -3.27
N SER B 38 15.87 -15.59 -3.23
CA SER B 38 14.87 -14.90 -4.01
C SER B 38 14.32 -13.71 -3.25
N PHE B 39 14.22 -12.56 -3.91
CA PHE B 39 13.66 -11.37 -3.29
C PHE B 39 12.94 -10.54 -4.34
N VAL B 40 12.04 -9.68 -3.87
CA VAL B 40 11.38 -8.71 -4.76
C VAL B 40 11.04 -7.49 -3.93
N VAL B 41 11.41 -6.32 -4.45
CA VAL B 41 11.20 -5.04 -3.80
C VAL B 41 10.61 -4.08 -4.82
N GLY B 42 9.56 -3.35 -4.47
CA GLY B 42 9.09 -2.37 -5.44
C GLY B 42 7.95 -1.54 -4.89
N LYS B 43 7.49 -0.62 -5.73
CA LYS B 43 6.34 0.22 -5.42
C LYS B 43 5.31 0.10 -6.53
N GLY B 44 4.04 0.20 -6.13
CA GLY B 44 2.96 0.09 -7.08
C GLY B 44 1.64 0.11 -6.37
N TRP B 45 0.82 -0.88 -6.62
CA TRP B 45 -0.58 -0.88 -6.24
C TRP B 45 -0.96 -2.19 -5.59
N THR B 46 -1.79 -2.10 -4.55
N THR B 46 -1.81 -2.07 -4.55
CA THR B 46 -2.19 -3.31 -3.88
CA THR B 46 -2.32 -3.25 -3.85
C THR B 46 -3.24 -4.12 -4.65
C THR B 46 -3.15 -4.11 -4.76
N THR B 47 -3.96 -3.49 -5.60
CA THR B 47 -4.87 -4.20 -6.50
C THR B 47 -4.45 -3.92 -7.93
N GLY B 48 -3.93 -4.94 -8.60
CA GLY B 48 -3.53 -4.79 -9.97
C GLY B 48 -4.71 -4.58 -10.90
N SER B 49 -4.39 -4.03 -12.07
CA SER B 49 -5.36 -3.82 -13.13
C SER B 49 -4.77 -4.21 -14.47
N PRO B 50 -5.56 -4.80 -15.37
CA PRO B 50 -5.09 -5.07 -16.74
C PRO B 50 -5.01 -3.82 -17.59
N PHE B 51 -5.43 -2.68 -17.05
CA PHE B 51 -5.37 -1.40 -17.72
C PHE B 51 -4.28 -0.51 -17.19
N ARG B 52 -3.45 -1.01 -16.27
CA ARG B 52 -2.43 -0.20 -15.62
C ARG B 52 -1.44 0.33 -16.66
N THR B 53 -1.03 1.58 -16.47
CA THR B 53 0.11 2.17 -17.16
C THR B 53 1.10 2.55 -16.07
N ILE B 54 2.35 2.13 -16.24
CA ILE B 54 3.38 2.38 -15.25
C ILE B 54 4.42 3.30 -15.85
N ASN B 55 4.64 4.45 -15.23
CA ASN B 55 5.80 5.28 -15.51
C ASN B 55 6.89 4.95 -14.49
N TYR B 56 8.14 4.88 -14.92
CA TYR B 56 9.20 4.71 -13.96
C TYR B 56 10.49 5.34 -14.49
N ASN B 57 11.41 5.60 -13.58
CA ASN B 57 12.74 6.06 -13.95
C ASN B 57 13.70 5.37 -13.01
N ALA B 58 14.52 4.48 -13.55
CA ALA B 58 15.54 3.78 -12.75
C ALA B 58 16.82 4.59 -12.81
N GLY B 59 17.05 5.41 -11.78
CA GLY B 59 18.27 6.20 -11.72
C GLY B 59 19.53 5.40 -11.47
N VAL B 60 19.39 4.23 -10.86
CA VAL B 60 20.49 3.28 -10.68
C VAL B 60 19.98 1.91 -11.06
N TRP B 61 20.73 1.23 -11.93
CA TRP B 61 20.41 -0.15 -12.27
C TRP B 61 21.73 -0.91 -12.39
N ALA B 62 22.11 -1.61 -11.33
CA ALA B 62 23.42 -2.27 -11.25
C ALA B 62 23.28 -3.67 -10.65
N PRO B 63 22.53 -4.54 -11.29
CA PRO B 63 22.45 -5.94 -10.83
C PRO B 63 23.64 -6.75 -11.30
N ASN B 64 23.87 -7.87 -10.62
N ASN B 64 23.81 -7.91 -10.69
CA ASN B 64 24.60 -8.98 -11.20
CA ASN B 64 24.69 -8.96 -11.18
C ASN B 64 23.73 -10.22 -11.21
C ASN B 64 23.92 -10.26 -11.02
N GLY B 65 24.27 -11.27 -11.81
CA GLY B 65 23.59 -12.53 -11.69
C GLY B 65 22.19 -12.45 -12.23
N TRP B 66 21.24 -13.06 -11.52
CA TRP B 66 19.82 -12.98 -11.84
C TRP B 66 19.23 -11.75 -11.17
N GLY B 67 18.84 -10.77 -11.98
CA GLY B 67 18.16 -9.58 -11.50
C GLY B 67 17.19 -9.15 -12.56
N ALA B 68 16.10 -8.51 -12.14
CA ALA B 68 15.07 -8.06 -13.07
C ALA B 68 14.58 -6.69 -12.64
N LEU B 69 14.56 -5.77 -13.60
CA LEU B 69 13.90 -4.47 -13.48
C LEU B 69 12.60 -4.68 -14.24
N ALA B 70 11.50 -4.84 -13.50
CA ALA B 70 10.32 -5.46 -14.11
C ALA B 70 9.05 -5.05 -13.40
N LEU B 71 7.98 -4.94 -14.19
CA LEU B 71 6.65 -5.03 -13.60
C LEU B 71 6.45 -6.45 -13.09
N VAL B 72 6.05 -6.60 -11.83
CA VAL B 72 5.79 -7.89 -11.22
C VAL B 72 4.40 -7.82 -10.58
N GLY B 73 3.55 -8.78 -10.86
CA GLY B 73 2.28 -8.83 -10.18
C GLY B 73 1.71 -10.22 -10.17
N TRP B 74 0.56 -10.34 -9.51
CA TRP B 74 -0.10 -11.61 -9.32
C TRP B 74 -1.59 -11.51 -9.60
N THR B 75 -2.14 -12.63 -10.04
CA THR B 75 -3.56 -12.92 -9.91
C THR B 75 -3.75 -14.20 -9.12
N ARG B 76 -4.98 -14.33 -8.62
CA ARG B 76 -5.55 -15.58 -8.18
C ARG B 76 -6.67 -15.97 -9.15
N SER B 77 -7.08 -17.23 -9.07
N SER B 77 -7.08 -17.23 -9.07
CA SER B 77 -8.18 -17.78 -9.86
CA SER B 77 -8.18 -17.74 -9.88
C SER B 77 -7.92 -17.67 -11.36
C SER B 77 -7.87 -17.61 -11.37
N PRO B 78 -6.80 -18.22 -11.86
CA PRO B 78 -5.82 -19.00 -11.12
C PRO B 78 -4.64 -18.16 -10.64
N LEU B 79 -3.84 -18.81 -9.79
CA LEU B 79 -2.62 -18.24 -9.22
C LEU B 79 -1.54 -18.15 -10.28
N ILE B 80 -1.23 -16.93 -10.66
CA ILE B 80 -0.28 -16.62 -11.73
C ILE B 80 0.57 -15.45 -11.28
N ALA B 81 1.88 -15.56 -11.45
CA ALA B 81 2.78 -14.43 -11.35
C ALA B 81 3.11 -13.98 -12.76
N TYR B 82 3.11 -12.69 -13.00
CA TYR B 82 3.42 -12.16 -14.31
C TYR B 82 4.50 -11.09 -14.21
N TYR B 83 5.19 -10.90 -15.35
CA TYR B 83 6.40 -10.12 -15.41
C TYR B 83 6.49 -9.40 -16.74
N VAL B 84 6.84 -8.12 -16.70
CA VAL B 84 7.27 -7.37 -17.88
C VAL B 84 8.68 -6.90 -17.55
N VAL B 85 9.67 -7.57 -18.12
CA VAL B 85 11.07 -7.38 -17.76
C VAL B 85 11.73 -6.45 -18.76
N ASP B 86 12.14 -5.26 -18.28
CA ASP B 86 12.79 -4.27 -19.11
C ASP B 86 14.32 -4.37 -19.08
N SER B 87 14.90 -4.77 -17.96
CA SER B 87 16.34 -4.97 -17.90
C SER B 87 16.64 -6.08 -16.89
N TRP B 88 17.90 -6.51 -16.90
CA TRP B 88 18.33 -7.65 -16.11
C TRP B 88 19.82 -7.51 -15.85
N GLY B 89 20.42 -8.54 -15.26
CA GLY B 89 21.84 -8.57 -14.97
C GLY B 89 22.62 -9.43 -15.95
N THR B 90 23.27 -10.47 -15.41
N THR B 90 23.32 -10.45 -15.48
CA THR B 90 24.12 -11.35 -16.21
CA THR B 90 24.19 -11.20 -16.39
C THR B 90 23.30 -12.24 -17.14
C THR B 90 23.46 -12.27 -17.19
N TYR B 91 22.23 -12.85 -16.62
N TYR B 91 22.32 -12.76 -16.70
CA TYR B 91 21.50 -13.93 -17.28
CA TYR B 91 21.56 -13.80 -17.37
C TYR B 91 20.12 -13.42 -17.69
C TYR B 91 20.21 -13.25 -17.77
N ARG B 92 19.76 -13.62 -18.97
CA ARG B 92 18.45 -13.19 -19.45
C ARG B 92 17.38 -14.22 -19.13
N TRP B 93 16.29 -13.76 -18.53
CA TRP B 93 15.12 -14.56 -18.19
C TRP B 93 14.48 -15.12 -19.45
N THR B 94 14.23 -16.43 -19.47
CA THR B 94 13.58 -17.09 -20.60
C THR B 94 12.64 -18.17 -20.06
N GLY B 95 12.01 -18.89 -20.97
CA GLY B 95 11.08 -19.95 -20.65
C GLY B 95 10.60 -20.61 -21.92
N THR B 96 9.38 -21.12 -21.91
CA THR B 96 8.77 -21.70 -23.10
C THR B 96 8.35 -20.55 -24.02
N TYR B 97 8.96 -20.47 -25.20
CA TYR B 97 8.73 -19.34 -26.10
C TYR B 97 7.34 -19.42 -26.73
N LYS B 98 6.63 -18.30 -26.70
CA LYS B 98 5.29 -18.19 -27.23
C LYS B 98 5.14 -17.22 -28.40
N GLY B 99 6.02 -16.26 -28.55
CA GLY B 99 5.86 -15.23 -29.56
C GLY B 99 6.51 -13.94 -29.09
N THR B 100 6.13 -12.82 -29.73
CA THR B 100 6.67 -11.52 -29.39
C THR B 100 5.54 -10.49 -29.31
N VAL B 101 5.83 -9.41 -28.59
CA VAL B 101 4.97 -8.24 -28.54
C VAL B 101 5.83 -7.00 -28.57
N LYS B 102 5.41 -6.01 -29.35
CA LYS B 102 6.03 -4.69 -29.34
C LYS B 102 5.22 -3.78 -28.45
N SER B 103 5.91 -3.07 -27.55
CA SER B 103 5.24 -2.13 -26.68
C SER B 103 6.25 -1.11 -26.17
N ASP B 104 5.85 0.14 -26.12
CA ASP B 104 6.65 1.17 -25.47
C ASP B 104 8.07 1.22 -26.02
N GLY B 105 8.19 1.09 -27.33
CA GLY B 105 9.46 1.25 -28.01
C GLY B 105 10.36 0.03 -28.01
N GLY B 106 9.90 -1.08 -27.43
CA GLY B 106 10.70 -2.28 -27.34
C GLY B 106 9.98 -3.47 -27.93
N THR B 107 10.75 -4.48 -28.29
CA THR B 107 10.23 -5.78 -28.67
C THR B 107 10.53 -6.74 -27.52
N TYR B 108 9.51 -7.48 -27.11
CA TYR B 108 9.58 -8.42 -26.00
C TYR B 108 9.29 -9.82 -26.50
N ASP B 109 10.08 -10.78 -26.04
CA ASP B 109 9.73 -12.18 -26.18
C ASP B 109 8.75 -12.56 -25.08
N ILE B 110 7.81 -13.41 -25.44
CA ILE B 110 6.79 -13.90 -24.53
C ILE B 110 7.12 -15.32 -24.15
N TYR B 111 7.10 -15.61 -22.85
CA TYR B 111 7.39 -16.94 -22.34
C TYR B 111 6.37 -17.35 -21.28
N THR B 112 6.22 -18.66 -21.11
CA THR B 112 5.60 -19.23 -19.91
C THR B 112 6.58 -20.15 -19.21
N THR B 113 6.43 -20.22 -17.89
CA THR B 113 7.11 -21.19 -17.05
C THR B 113 6.14 -21.62 -15.96
N THR B 114 6.53 -22.67 -15.25
CA THR B 114 5.86 -23.10 -14.03
C THR B 114 6.91 -23.17 -12.93
N ARG B 115 6.58 -22.64 -11.76
CA ARG B 115 7.45 -22.67 -10.61
C ARG B 115 6.83 -23.58 -9.55
N TYR B 116 7.62 -24.48 -8.99
CA TYR B 116 7.12 -25.54 -8.12
C TYR B 116 7.65 -25.39 -6.70
N ASN B 117 6.80 -25.68 -5.73
CA ASN B 117 7.22 -25.76 -4.32
C ASN B 117 7.97 -24.51 -3.87
N ALA B 118 7.40 -23.35 -4.17
CA ALA B 118 8.09 -22.07 -4.01
C ALA B 118 7.18 -21.03 -3.39
N PRO B 119 7.74 -19.94 -2.89
CA PRO B 119 6.89 -18.89 -2.31
C PRO B 119 6.04 -18.21 -3.34
N SER B 120 4.80 -17.94 -2.92
CA SER B 120 3.87 -17.13 -3.67
C SER B 120 3.03 -16.33 -2.68
N ILE B 121 2.07 -15.57 -3.20
CA ILE B 121 1.12 -14.89 -2.33
C ILE B 121 0.21 -15.86 -1.58
N ASP B 122 0.23 -17.14 -1.91
CA ASP B 122 -0.61 -18.14 -1.24
C ASP B 122 0.14 -19.01 -0.24
N GLY B 123 1.44 -18.84 -0.10
CA GLY B 123 2.18 -19.62 0.89
C GLY B 123 3.63 -19.80 0.49
N ASP B 124 4.36 -20.48 1.37
CA ASP B 124 5.79 -20.68 1.17
C ASP B 124 6.11 -21.79 0.20
N ARG B 125 5.23 -22.78 0.05
CA ARG B 125 5.50 -23.95 -0.75
C ARG B 125 4.29 -24.18 -1.65
N THR B 126 4.32 -23.51 -2.79
CA THR B 126 3.20 -23.51 -3.73
C THR B 126 3.70 -23.65 -5.15
N THR B 127 2.78 -23.98 -6.04
CA THR B 127 3.07 -24.07 -7.46
C THR B 127 2.26 -23.02 -8.18
N PHE B 128 2.87 -22.37 -9.16
CA PHE B 128 2.17 -21.33 -9.91
C PHE B 128 2.74 -21.21 -11.32
N THR B 129 1.88 -20.79 -12.22
CA THR B 129 2.28 -20.46 -13.58
C THR B 129 2.87 -19.06 -13.58
N GLN B 130 3.82 -18.84 -14.46
CA GLN B 130 4.43 -17.53 -14.68
C GLN B 130 4.29 -17.13 -16.14
N TYR B 131 3.82 -15.90 -16.37
CA TYR B 131 3.77 -15.30 -17.70
C TYR B 131 4.81 -14.20 -17.78
N TRP B 132 5.56 -14.18 -18.89
CA TRP B 132 6.65 -13.24 -19.07
C TRP B 132 6.56 -12.52 -20.40
N SER B 133 6.86 -11.22 -20.38
CA SER B 133 7.38 -10.48 -21.51
C SER B 133 8.78 -10.04 -21.12
N VAL B 134 9.78 -10.40 -21.91
CA VAL B 134 11.17 -10.07 -21.60
C VAL B 134 11.74 -9.31 -22.79
N ARG B 135 12.20 -8.09 -22.55
CA ARG B 135 12.68 -7.28 -23.66
C ARG B 135 13.83 -8.01 -24.36
N GLN B 136 13.91 -7.89 -25.68
CA GLN B 136 14.94 -8.61 -26.42
C GLN B 136 16.32 -8.07 -26.13
N SER B 137 16.42 -6.78 -25.84
N SER B 137 16.42 -6.76 -25.89
CA SER B 137 17.66 -6.17 -25.39
CA SER B 137 17.62 -6.08 -25.46
C SER B 137 17.30 -5.26 -24.24
C SER B 137 17.27 -5.32 -24.19
N LYS B 138 18.28 -5.00 -23.39
CA LYS B 138 18.01 -4.25 -22.16
C LYS B 138 17.54 -2.83 -22.48
N ARG B 139 16.50 -2.40 -21.81
CA ARG B 139 16.00 -1.04 -21.99
C ARG B 139 16.98 -0.07 -21.35
N PRO B 140 17.34 1.02 -22.00
CA PRO B 140 18.14 2.03 -21.32
C PRO B 140 17.45 2.47 -20.05
N THR B 141 18.26 2.79 -19.06
CA THR B 141 17.77 3.29 -17.80
C THR B 141 18.25 4.72 -17.59
N GLY B 142 17.77 5.34 -16.53
CA GLY B 142 18.03 6.73 -16.26
C GLY B 142 17.10 7.70 -16.95
N SER B 143 16.06 7.20 -17.60
N SER B 143 16.17 7.20 -17.73
CA SER B 143 15.10 8.03 -18.30
CA SER B 143 15.20 8.03 -18.42
C SER B 143 13.69 7.70 -17.84
C SER B 143 13.82 7.61 -17.99
N ASN B 144 12.74 8.53 -18.21
N ASN B 144 12.89 8.54 -18.08
CA ASN B 144 11.33 8.29 -17.89
CA ASN B 144 11.49 8.19 -17.90
C ASN B 144 10.78 7.28 -18.90
C ASN B 144 11.12 7.12 -18.90
N ALA B 145 10.45 6.08 -18.41
CA ALA B 145 10.03 4.97 -19.22
C ALA B 145 8.59 4.66 -18.88
N THR B 146 7.86 4.11 -19.84
CA THR B 146 6.48 3.70 -19.64
C THR B 146 6.35 2.21 -19.99
N ILE B 147 5.54 1.50 -19.19
CA ILE B 147 5.05 0.17 -19.53
C ILE B 147 3.53 0.27 -19.65
N THR B 148 3.03 0.00 -20.85
CA THR B 148 1.60 -0.01 -21.15
C THR B 148 1.15 -1.45 -20.98
N PHE B 149 0.74 -1.80 -19.74
CA PHE B 149 0.50 -3.20 -19.42
C PHE B 149 -0.57 -3.83 -20.29
N SER B 150 -1.58 -3.07 -20.71
N SER B 150 -1.58 -3.06 -20.70
CA SER B 150 -2.63 -3.70 -21.51
CA SER B 150 -2.63 -3.61 -21.53
C SER B 150 -2.09 -4.30 -22.80
C SER B 150 -2.06 -4.32 -22.76
N ASN B 151 -1.01 -3.75 -23.36
CA ASN B 151 -0.44 -4.36 -24.57
C ASN B 151 0.06 -5.76 -24.28
N HIS B 152 0.63 -5.97 -23.10
CA HIS B 152 1.10 -7.30 -22.69
C HIS B 152 -0.08 -8.20 -22.40
N VAL B 153 -1.06 -7.72 -21.63
CA VAL B 153 -2.25 -8.54 -21.36
C VAL B 153 -2.84 -9.05 -22.64
N ASN B 154 -3.01 -8.16 -23.63
CA ASN B 154 -3.67 -8.54 -24.88
C ASN B 154 -2.80 -9.49 -25.70
N ALA B 155 -1.49 -9.25 -25.75
CA ALA B 155 -0.63 -10.17 -26.47
C ALA B 155 -0.63 -11.55 -25.82
N TRP B 156 -0.57 -11.59 -24.49
CA TRP B 156 -0.63 -12.86 -23.79
C TRP B 156 -1.93 -13.59 -24.11
N LYS B 157 -3.06 -12.87 -24.08
N LYS B 157 -3.06 -12.87 -24.06
CA LYS B 157 -4.34 -13.50 -24.39
CA LYS B 157 -4.34 -13.50 -24.40
C LYS B 157 -4.34 -14.11 -25.79
C LYS B 157 -4.28 -14.15 -25.78
N SER B 158 -3.66 -13.47 -26.74
CA SER B 158 -3.61 -13.97 -28.12
C SER B 158 -2.80 -15.25 -28.24
N HIS B 159 -2.00 -15.59 -27.23
CA HIS B 159 -1.25 -16.84 -27.16
C HIS B 159 -1.81 -17.79 -26.13
N GLY B 160 -3.06 -17.61 -25.74
CA GLY B 160 -3.69 -18.51 -24.81
C GLY B 160 -3.25 -18.37 -23.38
N MET B 161 -2.65 -17.23 -23.03
CA MET B 161 -2.17 -16.95 -21.68
C MET B 161 -3.15 -15.97 -21.05
N ASN B 162 -4.14 -16.51 -20.34
CA ASN B 162 -5.17 -15.74 -19.67
C ASN B 162 -4.83 -15.56 -18.21
N LEU B 163 -4.90 -14.33 -17.72
CA LEU B 163 -4.65 -14.05 -16.33
C LEU B 163 -5.87 -14.44 -15.48
N GLY B 164 -5.65 -14.60 -14.19
CA GLY B 164 -6.73 -14.88 -13.27
C GLY B 164 -7.64 -13.69 -13.10
N SER B 165 -8.78 -13.96 -12.47
CA SER B 165 -9.83 -12.97 -12.35
C SER B 165 -9.80 -12.19 -11.03
N ASN B 166 -8.90 -12.54 -10.10
N ASN B 166 -8.97 -12.60 -10.09
CA ASN B 166 -8.83 -11.95 -8.77
CA ASN B 166 -8.83 -11.94 -8.79
C ASN B 166 -7.46 -11.30 -8.57
C ASN B 166 -7.45 -11.31 -8.79
N TRP B 167 -7.40 -9.99 -8.74
CA TRP B 167 -6.14 -9.27 -8.87
C TRP B 167 -5.49 -9.00 -7.51
N ALA B 168 -4.20 -9.31 -7.39
CA ALA B 168 -3.39 -9.03 -6.23
C ALA B 168 -2.39 -7.93 -6.59
N TYR B 169 -1.27 -7.84 -5.87
CA TYR B 169 -0.42 -6.66 -6.03
C TYR B 169 0.17 -6.57 -7.42
N GLN B 170 0.64 -5.35 -7.75
CA GLN B 170 1.18 -5.03 -9.06
C GLN B 170 2.19 -3.92 -8.83
N VAL B 171 3.49 -4.24 -8.96
N VAL B 171 3.48 -4.20 -9.07
CA VAL B 171 4.52 -3.27 -8.62
CA VAL B 171 4.57 -3.38 -8.56
C VAL B 171 5.56 -3.18 -9.73
C VAL B 171 5.67 -3.26 -9.61
N MET B 172 6.27 -2.06 -9.75
CA MET B 172 7.46 -1.88 -10.57
C MET B 172 8.66 -2.18 -9.66
N ALA B 173 9.30 -3.31 -9.92
CA ALA B 173 10.18 -3.97 -8.97
C ALA B 173 11.62 -4.08 -9.44
N THR B 174 12.47 -4.26 -8.42
CA THR B 174 13.74 -4.94 -8.51
C THR B 174 13.56 -6.32 -7.90
N ALA B 175 13.76 -7.36 -8.71
CA ALA B 175 13.68 -8.73 -8.24
C ALA B 175 15.02 -9.39 -8.51
N GLY B 176 15.36 -10.40 -7.72
CA GLY B 176 16.61 -11.07 -7.97
C GLY B 176 16.60 -12.46 -7.38
N TYR B 177 17.62 -13.20 -7.78
CA TYR B 177 17.80 -14.57 -7.31
C TYR B 177 19.28 -14.90 -7.24
N GLN B 178 19.77 -15.21 -6.05
CA GLN B 178 21.14 -15.66 -5.86
C GLN B 178 22.13 -14.68 -6.45
N SER B 179 21.99 -13.40 -6.10
N SER B 179 21.94 -13.39 -6.08
N SER B 179 21.99 -13.41 -6.10
CA SER B 179 22.81 -12.40 -6.75
CA SER B 179 22.36 -12.19 -6.79
CA SER B 179 22.84 -12.42 -6.73
C SER B 179 23.10 -11.26 -5.78
C SER B 179 22.89 -11.16 -5.81
C SER B 179 23.02 -11.22 -5.80
N SER B 180 23.70 -10.21 -6.32
CA SER B 180 24.06 -8.99 -5.60
C SER B 180 23.84 -7.82 -6.54
N GLY B 181 23.67 -6.62 -5.98
CA GLY B 181 23.57 -5.46 -6.82
C GLY B 181 23.00 -4.25 -6.08
N SER B 182 22.67 -3.25 -6.86
N SER B 182 22.71 -3.22 -6.88
CA SER B 182 21.98 -2.09 -6.33
CA SER B 182 22.09 -1.98 -6.42
C SER B 182 21.07 -1.48 -7.40
C SER B 182 21.03 -1.54 -7.43
N SER B 183 20.03 -0.82 -6.93
CA SER B 183 19.07 -0.16 -7.79
C SER B 183 18.46 1.04 -7.06
N ASN B 184 17.89 1.94 -7.85
CA ASN B 184 17.16 3.10 -7.36
C ASN B 184 16.12 3.41 -8.43
N VAL B 185 14.83 3.36 -8.06
CA VAL B 185 13.74 3.43 -9.02
C VAL B 185 12.65 4.33 -8.46
N THR B 186 12.07 5.15 -9.32
CA THR B 186 10.87 5.92 -8.98
C THR B 186 9.74 5.49 -9.88
N VAL B 187 8.56 5.27 -9.29
CA VAL B 187 7.41 4.68 -9.95
C VAL B 187 6.21 5.62 -9.84
N TRP B 188 5.42 5.75 -10.90
CA TRP B 188 4.16 6.51 -10.83
C TRP B 188 3.19 6.10 -11.91
C2 XPE C . -21.66 12.74 15.24
C3 XPE C . -21.15 13.36 13.94
O4 XPE C . -20.13 14.28 14.24
C5 XPE C . -19.16 14.40 13.22
C6 XPE C . -19.76 15.20 12.07
O7 XPE C . -19.03 14.95 10.90
C8 XPE C . -19.23 13.67 10.37
C9 XPE C . -18.72 13.65 8.93
O10 XPE C . -17.59 12.82 8.92
C11 XPE C . -17.21 12.36 7.65
C12 XPE C . -15.83 11.72 7.80
O13 XPE C . -15.98 10.48 8.43
C14 XPE C . -14.96 10.15 9.33
C15 XPE C . -13.70 9.81 8.53
O16 XPE C . -13.82 8.50 8.03
C17 XPE C . -12.77 8.15 7.17
C18 XPE C . -13.17 6.88 6.42
O19 XPE C . -14.25 7.16 5.56
C20 XPE C . -13.99 8.07 4.52
C21 XPE C . -14.33 7.36 3.21
O22 XPE C . -13.33 6.41 3.02
C23 XPE C . -13.41 5.77 1.79
C24 XPE C . -12.57 4.50 1.91
O25 XPE C . -11.22 4.82 1.72
C26 XPE C . -10.97 5.25 0.40
C27 XPE C . -9.80 4.51 -0.21
O28 XPE C . -10.11 3.15 -0.30
C29 XPE C . -8.96 2.34 -0.26
H21 XPE C . -22.41 13.27 15.57
H22 XPE C . -20.96 12.73 15.90
H31A XPE C . -21.88 13.81 13.49
H32 XPE C . -20.79 12.66 13.38
H51 XPE C . -18.38 14.85 13.58
H52 XPE C . -18.91 13.52 12.91
H61 XPE C . -20.68 14.96 11.93
H62 XPE C . -19.71 16.16 12.28
H81 XPE C . -18.76 13.01 10.89
H82 XPE C . -20.18 13.46 10.38
H91 XPE C . -18.48 14.54 8.65
H92 XPE C . -19.40 13.28 8.34
H111 XPE C . -17.18 13.09 7.02
H112 XPE C . -17.85 11.69 7.34
H121 XPE C . -15.27 12.30 8.34
H122 XPE C . -15.43 11.60 6.93
H141 XPE C . -14.78 10.90 9.92
H142 XPE C . -15.22 9.39 9.86
H151 XPE C . -12.92 9.87 9.10
H152 XPE C . -13.61 10.43 7.79
H171 XPE C . -12.60 8.86 6.54
H172 XPE C . -11.97 7.97 7.69
H181 XPE C . -12.42 6.55 5.90
H182 XPE C . -13.44 6.19 7.06
H201 XPE C . -14.55 8.85 4.63
H202 XPE C . -13.06 8.33 4.53
H211 XPE C . -14.32 8.00 2.48
H212 XPE C . -15.19 6.94 3.27
H231 XPE C . -13.07 6.34 1.08
H232 XPE C . -14.34 5.53 1.60
H241 XPE C . -12.69 4.12 2.79
H242 XPE C . -12.84 3.86 1.23
H261 XPE C . -10.78 6.19 0.41
H262 XPE C . -11.76 5.10 -0.14
H271 XPE C . -9.01 4.63 0.34
H272 XPE C . -9.63 4.85 -1.10
H291 XPE C . -8.52 2.44 0.60
H292 XPE C . -8.36 2.59 -0.98
C2 XPE D . 1.74 -10.21 1.06
C3 XPE D . 2.51 -9.75 -0.19
O4 XPE D . 3.34 -10.81 -0.60
C5 XPE D . 4.68 -10.46 -0.84
C6 XPE D . 5.41 -11.65 -1.43
O7 XPE D . 4.91 -11.93 -2.70
C8 XPE D . 4.75 -13.32 -2.89
C9 XPE D . 6.09 -14.04 -2.95
O10 XPE D . 6.73 -13.66 -4.11
C11 XPE D . 7.87 -14.43 -4.37
C12 XPE D . 8.61 -13.78 -5.52
O13 XPE D . 7.83 -13.90 -6.70
C14 XPE D . 7.73 -12.72 -7.45
C15 XPE D . 9.09 -12.35 -8.10
O16 XPE D . 9.48 -13.37 -8.97
C17 XPE D . 10.77 -13.19 -9.49
C18 XPE D . 11.18 -14.42 -10.30
O19 XPE D . 11.31 -15.53 -9.47
C20 XPE D . 12.44 -15.53 -8.63
C21 XPE D . 13.02 -16.93 -8.60
O22 XPE D . 13.64 -17.12 -9.83
C23 XPE D . 14.34 -18.32 -10.04
C24 XPE D . 15.43 -18.11 -11.11
O25 XPE D . 14.93 -18.39 -12.40
C26 XPE D . 15.94 -18.43 -13.40
C27 XPE D . 15.32 -18.40 -14.81
O28 XPE D . 14.97 -19.72 -15.15
C29 XPE D . 14.62 -19.92 -16.50
H21 XPE D . 1.42 -9.43 1.55
H22 XPE D . 2.32 -10.75 1.63
H31A XPE D . 1.89 -9.52 -0.89
H32 XPE D . 3.06 -8.97 0.03
H51 XPE D . 4.71 -9.73 -1.47
H52 XPE D . 5.10 -10.20 -0.02
H61 XPE D . 6.35 -11.44 -1.50
H62 XPE D . 5.29 -12.42 -0.86
H81 XPE D . 4.29 -13.47 -3.74
H82 XPE D . 4.23 -13.67 -2.17
H91 XPE D . 5.95 -14.99 -2.94
H92 XPE D . 6.62 -13.79 -2.17
H111 XPE D . 7.61 -15.33 -4.62
H112 XPE D . 8.44 -14.45 -3.58
H121 XPE D . 9.46 -14.22 -5.64
H122 XPE D . 8.76 -12.83 -5.31
H141 XPE D . 7.45 -11.99 -6.88
H142 XPE D . 7.09 -12.85 -8.16
H151 XPE D . 9.75 -12.25 -7.39
H152 XPE D . 8.99 -11.52 -8.58
H171 XPE D . 10.78 -12.41 -10.06
H172 XPE D . 11.40 -13.07 -8.76
H181 XPE D . 10.49 -14.60 -10.97
H182 XPE D . 12.01 -14.24 -10.74
H201 XPE D . 12.19 -15.26 -7.73
H202 XPE D . 13.11 -14.91 -8.98
H211 XPE D . 12.31 -17.58 -8.48
H212 XPE D . 13.67 -17.01 -7.88
H231 XPE D . 13.73 -19.01 -10.32
H232 XPE D . 14.76 -18.59 -9.20
H241 XPE D . 16.18 -18.70 -10.93
H242 XPE D . 15.73 -17.19 -11.07
H261 XPE D . 16.52 -17.66 -13.30
H262 XPE D . 16.46 -19.23 -13.29
H271 XPE D . 15.97 -18.06 -15.44
H272 XPE D . 14.54 -17.85 -14.81
H291 XPE D . 15.40 -20.17 -17.00
H292 XPE D . 14.24 -19.11 -16.86
#